data_1DWC
#
_entry.id   1DWC
#
_cell.length_a   90.800
_cell.length_b   90.800
_cell.length_c   132.500
_cell.angle_alpha   90.00
_cell.angle_beta   90.00
_cell.angle_gamma   90.00
#
_symmetry.space_group_name_H-M   'P 43 21 2'
#
loop_
_entity.id
_entity.type
_entity.pdbx_description
1 polymer 'ALPHA-THROMBIN (SMALL SUBUNIT)'
2 polymer 'ALPHA-THROMBIN (LARGE SUBUNIT)'
3 polymer 'HIRUDIN IIIA'
4 non-polymer amino{[(4S)-5-[(2R,4R)-2-carboxy-4-methylpiperidin-1-yl]-4-({[(3R)-3-methyl-1,2,3,4-tetrahydroquinolin-8-yl]sulfonyl}amino)-5-oxopentyl]amino}methaniminium
5 water water
#
loop_
_entity_poly.entity_id
_entity_poly.type
_entity_poly.pdbx_seq_one_letter_code
_entity_poly.pdbx_strand_id
1 'polypeptide(L)' TFGSGEADCGLRPLFEKKSLEDKTERELLESYIDGR L
2 'polypeptide(L)'
;IVEGSDAEIGMSPWQVMLFRKSPQELLCGASLISDRWVLTAAHCLLYPPWDKNFTENDLLVRIGKHSRTRYERNIEKISM
LEKIYIHPRYNWRENLDRDIALMKLKKPVAFSDYIHPVCLPDRETAASLLQAGYKGRVTGWGNLKETWTANVGKGQPSVL
QVVNLPIVERPVCKDSTRIRITDNMFCAGYKPDEGKRGDACEGDSGGPFVMKSPFNNRWYQMGIVSWGEGCDRDGKYGFY
THVFRLKKWIQKVIDQFGE
;
H
3 'polypeptide(L)' DFEEIPEEYLQ I
#
# COMPACT_ATOMS: atom_id res chain seq x y z
N GLU A 6 2.60 -20.73 7.83
CA GLU A 6 2.62 -21.04 9.25
C GLU A 6 2.22 -19.87 10.11
N ALA A 7 3.07 -18.81 10.13
CA ALA A 7 2.79 -17.61 10.91
C ALA A 7 1.39 -17.13 10.62
N ASP A 8 0.60 -16.80 11.63
CA ASP A 8 -0.72 -16.37 11.27
C ASP A 8 -0.65 -14.95 10.76
N CYS A 9 -1.50 -14.65 9.80
CA CYS A 9 -1.52 -13.36 9.18
C CYS A 9 -2.79 -13.20 8.48
N GLY A 10 -3.13 -11.97 8.15
CA GLY A 10 -4.33 -11.75 7.43
C GLY A 10 -5.53 -11.71 8.35
N LEU A 11 -5.35 -12.10 9.61
CA LEU A 11 -6.48 -12.05 10.54
C LEU A 11 -6.40 -10.85 11.48
N ARG A 12 -7.21 -9.85 11.20
CA ARG A 12 -7.17 -8.68 12.03
C ARG A 12 -7.63 -8.91 13.47
N PRO A 13 -6.75 -8.55 14.41
CA PRO A 13 -7.02 -8.70 15.83
C PRO A 13 -8.31 -7.99 16.34
N LEU A 14 -8.72 -6.88 15.74
CA LEU A 14 -9.93 -6.26 16.25
C LEU A 14 -11.10 -6.56 15.36
N PHE A 15 -10.91 -7.35 14.32
CA PHE A 15 -12.02 -7.62 13.43
C PHE A 15 -12.32 -9.09 13.28
N GLU A 16 -11.57 -9.74 12.41
CA GLU A 16 -11.72 -11.15 12.19
C GLU A 16 -11.74 -11.86 13.54
N LYS A 17 -10.66 -11.71 14.27
CA LYS A 17 -10.56 -12.32 15.56
C LYS A 17 -11.62 -11.97 16.56
N LYS A 18 -12.33 -10.88 16.35
CA LYS A 18 -13.37 -10.50 17.28
C LYS A 18 -14.72 -10.73 16.66
N SER A 19 -14.71 -11.48 15.60
CA SER A 19 -15.93 -11.77 14.87
C SER A 19 -16.70 -10.55 14.40
N LEU A 20 -16.01 -9.40 14.22
CA LEU A 20 -16.66 -8.18 13.75
C LEU A 20 -16.16 -7.87 12.36
N GLU A 21 -16.98 -7.25 11.54
CA GLU A 21 -16.54 -6.91 10.22
C GLU A 21 -16.51 -5.40 10.04
N ASP A 22 -15.65 -4.89 9.16
CA ASP A 22 -15.58 -3.45 8.95
C ASP A 22 -16.68 -2.94 8.00
N LYS A 23 -16.89 -1.65 8.04
CA LYS A 23 -17.89 -0.95 7.29
C LYS A 23 -18.06 -1.23 5.81
N THR A 24 -17.00 -1.48 5.07
CA THR A 24 -17.19 -1.68 3.63
C THR A 24 -16.65 -2.95 3.08
N GLU A 25 -16.35 -3.86 3.97
CA GLU A 25 -15.80 -5.16 3.68
C GLU A 25 -16.70 -5.99 2.81
N ARG A 26 -18.03 -5.83 2.97
CA ARG A 26 -18.98 -6.59 2.18
C ARG A 26 -18.97 -6.24 0.74
N GLU A 27 -18.57 -5.02 0.42
CA GLU A 27 -18.50 -4.63 -0.95
C GLU A 27 -17.48 -5.52 -1.62
N LEU A 28 -16.38 -5.76 -0.91
CA LEU A 28 -15.33 -6.63 -1.43
C LEU A 28 -15.92 -7.98 -1.72
N LEU A 29 -16.45 -8.60 -0.65
CA LEU A 29 -17.06 -9.92 -0.71
C LEU A 29 -18.11 -10.13 -1.78
N GLU A 30 -19.08 -9.24 -1.84
CA GLU A 30 -20.10 -9.38 -2.85
C GLU A 30 -19.51 -9.33 -4.23
N SER A 31 -18.50 -8.50 -4.43
CA SER A 31 -17.90 -8.42 -5.74
C SER A 31 -17.47 -9.78 -6.31
N TYR A 32 -17.41 -10.80 -5.45
CA TYR A 32 -17.04 -12.14 -5.87
C TYR A 32 -18.25 -12.91 -6.38
N ILE A 33 -19.32 -12.84 -5.61
CA ILE A 33 -20.50 -13.55 -5.98
C ILE A 33 -21.40 -12.84 -6.95
N ASP A 34 -20.87 -11.98 -7.79
CA ASP A 34 -21.76 -11.33 -8.73
C ASP A 34 -22.38 -12.22 -9.81
N ILE B 1 -5.53 9.22 -1.00
CA ILE B 1 -6.72 8.53 -1.47
C ILE B 1 -7.84 9.48 -1.90
N VAL B 2 -8.27 9.31 -3.16
CA VAL B 2 -9.35 10.14 -3.71
C VAL B 2 -10.69 9.40 -3.61
N GLU B 3 -11.70 10.10 -3.12
CA GLU B 3 -13.04 9.55 -2.95
C GLU B 3 -13.09 8.37 -2.05
N GLY B 4 -12.20 8.30 -1.08
CA GLY B 4 -12.20 7.18 -0.15
C GLY B 4 -12.92 7.56 1.13
N SER B 5 -12.54 6.95 2.27
CA SER B 5 -13.15 7.27 3.55
C SER B 5 -12.17 7.12 4.68
N ASP B 6 -12.61 7.50 5.85
CA ASP B 6 -11.78 7.38 7.01
C ASP B 6 -11.75 5.94 7.35
N ALA B 7 -10.62 5.42 7.63
CA ALA B 7 -10.66 4.04 7.97
C ALA B 7 -10.98 3.92 9.43
N GLU B 8 -11.49 2.76 9.82
CA GLU B 8 -11.82 2.47 11.21
C GLU B 8 -10.50 2.15 11.92
N ILE B 9 -10.45 2.30 13.22
CA ILE B 9 -9.23 2.00 13.97
C ILE B 9 -8.83 0.54 13.90
N GLY B 10 -7.59 0.30 13.57
CA GLY B 10 -7.16 -1.08 13.49
C GLY B 10 -7.70 -1.82 12.27
N MET B 11 -8.11 -1.07 11.26
CA MET B 11 -8.64 -1.60 10.01
C MET B 11 -7.57 -2.23 9.04
N SER B 12 -6.34 -1.69 9.10
CA SER B 12 -5.21 -2.15 8.30
C SER B 12 -4.01 -2.19 9.16
N PRO B 13 -3.89 -3.21 10.00
CA PRO B 13 -2.79 -3.33 10.93
C PRO B 13 -1.43 -3.54 10.28
N TRP B 14 -1.42 -3.85 9.01
CA TRP B 14 -0.19 -4.05 8.29
C TRP B 14 0.25 -2.79 7.60
N GLN B 15 -0.53 -1.74 7.71
CA GLN B 15 -0.20 -0.47 7.08
C GLN B 15 0.98 0.21 7.78
N VAL B 16 2.00 0.51 6.97
CA VAL B 16 3.21 1.17 7.42
C VAL B 16 3.37 2.53 6.77
N MET B 17 3.93 3.48 7.53
CA MET B 17 4.20 4.82 7.08
C MET B 17 5.72 4.98 6.92
N LEU B 18 6.16 5.54 5.82
CA LEU B 18 7.57 5.77 5.60
C LEU B 18 7.84 7.22 5.89
N PHE B 19 8.48 7.49 7.00
CA PHE B 19 8.78 8.83 7.41
C PHE B 19 10.21 9.26 7.09
N ARG B 20 10.36 10.54 6.73
CA ARG B 20 11.63 11.15 6.40
C ARG B 20 12.13 11.95 7.59
N LYS B 21 13.36 11.71 8.00
CA LYS B 21 13.94 12.41 9.17
C LYS B 21 14.00 13.92 9.09
N SER B 22 14.65 14.44 8.06
CA SER B 22 14.79 15.88 7.86
C SER B 22 14.93 16.20 6.39
N PRO B 23 13.96 16.94 5.87
CA PRO B 23 12.86 17.41 6.64
C PRO B 23 11.93 16.29 7.00
N GLN B 24 11.16 16.50 8.04
CA GLN B 24 10.20 15.52 8.47
C GLN B 24 9.04 15.57 7.53
N GLU B 25 8.81 14.50 6.85
CA GLU B 25 7.71 14.48 5.95
C GLU B 25 7.33 13.07 5.62
N LEU B 26 6.12 12.90 5.14
CA LEU B 26 5.64 11.61 4.76
C LEU B 26 6.13 11.23 3.36
N LEU B 27 6.94 10.17 3.26
CA LEU B 27 7.47 9.71 1.99
C LEU B 27 6.53 8.80 1.21
N CYS B 28 6.01 7.79 1.87
CA CYS B 28 5.14 6.82 1.23
C CYS B 28 4.48 5.88 2.20
N GLY B 29 3.65 5.03 1.61
CA GLY B 29 2.95 4.00 2.31
C GLY B 29 3.83 2.76 2.20
N ALA B 30 3.41 1.68 2.84
CA ALA B 30 4.15 0.44 2.82
C ALA B 30 3.41 -0.59 3.63
N SER B 31 3.91 -1.83 3.71
CA SER B 31 3.19 -2.81 4.47
C SER B 31 4.09 -3.72 5.27
N LEU B 32 3.55 -4.26 6.34
CA LEU B 32 4.28 -5.14 7.18
C LEU B 32 3.97 -6.57 6.84
N ILE B 33 4.93 -7.30 6.25
CA ILE B 33 4.73 -8.70 5.88
C ILE B 33 5.25 -9.59 6.96
N SER B 34 5.90 -8.99 7.94
CA SER B 34 6.42 -9.74 9.06
C SER B 34 7.11 -8.91 10.14
N ASP B 35 7.41 -9.64 11.17
CA ASP B 35 8.08 -9.25 12.38
C ASP B 35 9.34 -8.36 12.14
N ARG B 36 9.89 -8.39 10.92
CA ARG B 36 11.07 -7.58 10.63
C ARG B 36 11.15 -7.14 9.19
N TRP B 37 10.16 -7.44 8.35
CA TRP B 37 10.28 -7.00 6.97
C TRP B 37 9.12 -6.20 6.59
N VAL B 38 9.39 -5.18 5.76
CA VAL B 38 8.44 -4.23 5.23
C VAL B 38 8.54 -4.20 3.71
N LEU B 39 7.40 -4.18 3.07
CA LEU B 39 7.35 -4.18 1.64
C LEU B 39 6.78 -2.86 1.12
N THR B 40 7.57 -2.22 0.27
CA THR B 40 7.21 -0.96 -0.34
C THR B 40 7.54 -0.95 -1.83
N ALA B 41 7.28 0.18 -2.51
CA ALA B 41 7.57 0.29 -3.92
C ALA B 41 8.97 0.85 -4.07
N ALA B 42 9.69 0.39 -5.10
CA ALA B 42 11.03 0.89 -5.29
C ALA B 42 11.09 2.38 -5.47
N HIS B 43 10.29 2.92 -6.42
CA HIS B 43 10.26 4.35 -6.70
C HIS B 43 10.10 5.26 -5.47
N CYS B 44 9.92 4.69 -4.27
CA CYS B 44 9.80 5.48 -3.04
C CYS B 44 11.18 5.76 -2.46
N LEU B 45 12.14 4.96 -2.85
CA LEU B 45 13.47 5.13 -2.38
C LEU B 45 14.38 5.58 -3.50
N LEU B 46 14.06 5.20 -4.73
CA LEU B 46 14.93 5.57 -5.82
C LEU B 46 14.25 5.98 -7.13
N TYR B 47 14.46 7.23 -7.49
CA TYR B 47 13.92 7.79 -8.71
C TYR B 47 14.90 8.85 -9.21
N PRO B 48 15.94 8.38 -9.90
CA PRO B 48 16.95 9.27 -10.41
C PRO B 48 16.44 10.53 -11.12
N PRO B 49 15.51 10.39 -12.06
CA PRO B 49 14.96 11.53 -12.77
C PRO B 49 14.63 12.72 -11.89
N TRP B 50 14.53 12.49 -10.61
CA TRP B 50 14.23 13.55 -9.69
C TRP B 50 15.25 13.57 -8.59
N ASP B 51 16.36 12.99 -8.88
CA ASP B 51 17.40 12.94 -7.92
C ASP B 51 16.95 12.31 -6.60
N LYS B 52 16.03 11.34 -6.67
CA LYS B 52 15.54 10.68 -5.47
C LYS B 52 16.36 9.44 -5.18
N ASN B 53 17.09 9.43 -4.06
CA ASN B 53 17.89 8.28 -3.73
C ASN B 53 18.16 8.16 -2.26
N PHE B 54 17.16 7.69 -1.48
CA PHE B 54 17.26 7.50 -0.03
C PHE B 54 18.02 6.29 0.39
N THR B 55 18.55 6.37 1.59
CA THR B 55 19.31 5.28 2.15
C THR B 55 18.77 4.92 3.49
N GLU B 56 19.29 3.82 4.03
CA GLU B 56 18.88 3.32 5.29
C GLU B 56 18.88 4.36 6.38
N ASN B 57 19.76 5.35 6.30
CA ASN B 57 19.83 6.33 7.36
C ASN B 57 18.95 7.54 7.23
N ASP B 58 18.33 7.72 6.10
CA ASP B 58 17.51 8.86 5.91
C ASP B 58 16.09 8.67 6.35
N LEU B 59 15.65 7.40 6.48
CA LEU B 59 14.27 7.12 6.84
C LEU B 59 13.99 6.44 8.14
N LEU B 60 12.71 6.49 8.44
CA LEU B 60 12.12 5.88 9.59
C LEU B 60 10.88 5.14 9.12
N VAL B 61 10.44 4.19 9.91
CA VAL B 61 9.27 3.42 9.63
C VAL B 61 8.32 3.49 10.82
N ARG B 62 7.10 3.96 10.55
CA ARG B 62 6.13 4.07 11.60
C ARG B 62 4.99 3.09 11.36
N ILE B 63 4.83 2.13 12.30
CA ILE B 63 3.80 1.07 12.23
C ILE B 63 2.74 1.19 13.31
N GLY B 64 1.48 0.98 12.96
CA GLY B 64 0.36 1.04 13.93
C GLY B 64 -0.41 2.39 13.98
N LYS B 65 -0.11 3.25 13.00
CA LYS B 65 -0.71 4.55 12.90
C LYS B 65 -2.09 4.60 12.34
N HIS B 66 -2.81 5.66 12.78
CA HIS B 66 -4.16 5.97 12.38
C HIS B 66 -4.17 7.41 11.87
N SER B 67 -3.76 8.30 12.75
CA SER B 67 -3.67 9.69 12.45
C SER B 67 -2.45 9.96 11.58
N ARG B 68 -2.57 10.88 10.65
CA ARG B 68 -1.48 11.18 9.76
C ARG B 68 -0.29 11.88 10.41
N THR B 69 -0.59 12.89 11.22
CA THR B 69 0.42 13.74 11.87
C THR B 69 0.73 13.47 13.30
N ARG B 70 -0.19 12.94 14.05
CA ARG B 70 0.09 12.70 15.47
C ARG B 70 1.21 11.75 15.76
N TYR B 71 1.70 11.88 16.99
CA TYR B 71 2.70 11.02 17.51
C TYR B 71 1.91 10.19 18.48
N GLU B 72 1.46 9.02 18.03
CA GLU B 72 0.65 8.10 18.79
C GLU B 72 1.46 7.21 19.71
N ARG B 73 1.98 7.88 20.76
CA ARG B 73 2.81 7.32 21.80
C ARG B 73 2.42 5.95 22.28
N ASN B 74 1.17 5.78 22.64
CA ASN B 74 0.71 4.49 23.17
C ASN B 74 0.45 3.33 22.19
N ILE B 75 0.17 3.65 20.94
CA ILE B 75 -0.15 2.69 19.91
C ILE B 75 0.88 2.42 18.79
N GLU B 76 1.57 3.46 18.32
CA GLU B 76 2.53 3.28 17.24
C GLU B 76 3.91 2.85 17.67
N LYS B 77 4.64 2.32 16.71
CA LYS B 77 5.99 1.87 16.92
C LYS B 77 6.92 2.44 15.81
N ILE B 78 7.99 3.09 16.24
CA ILE B 78 8.95 3.70 15.34
C ILE B 78 10.20 2.90 15.21
N SER B 79 10.48 2.40 13.99
CA SER B 79 11.64 1.57 13.70
C SER B 79 12.63 2.20 12.75
N MET B 80 13.87 1.75 12.89
CA MET B 80 14.95 2.18 12.07
C MET B 80 15.33 1.08 11.11
N LEU B 81 15.75 1.44 9.90
CA LEU B 81 16.13 0.49 8.89
C LEU B 81 17.53 -0.10 9.01
N GLU B 82 17.61 -1.39 8.77
CA GLU B 82 18.87 -2.06 8.82
C GLU B 82 19.43 -2.25 7.43
N LYS B 83 18.57 -2.38 6.46
CA LYS B 83 19.05 -2.58 5.11
C LYS B 83 17.91 -2.45 4.12
N ILE B 84 18.19 -1.87 2.97
CA ILE B 84 17.20 -1.70 1.93
C ILE B 84 17.56 -2.57 0.71
N TYR B 85 16.55 -3.20 0.08
CA TYR B 85 16.74 -4.03 -1.08
C TYR B 85 15.81 -3.64 -2.21
N ILE B 86 16.37 -3.18 -3.31
CA ILE B 86 15.61 -2.80 -4.48
C ILE B 86 15.73 -3.84 -5.61
N HIS B 87 14.60 -4.23 -6.23
CA HIS B 87 14.64 -5.19 -7.32
C HIS B 87 15.67 -4.77 -8.36
N PRO B 88 16.61 -5.67 -8.63
CA PRO B 88 17.69 -5.43 -9.56
C PRO B 88 17.24 -4.99 -10.94
N ARG B 89 16.10 -5.45 -11.39
CA ARG B 89 15.65 -5.05 -12.71
C ARG B 89 14.53 -4.00 -12.71
N TYR B 90 14.50 -3.20 -11.64
CA TYR B 90 13.52 -2.14 -11.49
C TYR B 90 13.85 -1.12 -12.53
N ASN B 91 12.91 -0.90 -13.45
CA ASN B 91 13.07 0.02 -14.57
C ASN B 91 12.47 1.39 -14.36
N TRP B 92 13.27 2.28 -13.81
CA TRP B 92 12.82 3.63 -13.52
C TRP B 92 12.89 4.58 -14.69
N ARG B 93 13.55 4.14 -15.77
CA ARG B 93 13.69 4.93 -16.98
C ARG B 93 12.47 4.90 -17.88
N GLU B 94 11.77 3.78 -17.96
CA GLU B 94 10.62 3.75 -18.83
C GLU B 94 9.24 3.52 -18.22
N ASN B 95 8.99 2.40 -17.56
CA ASN B 95 7.65 2.20 -17.03
C ASN B 95 7.56 1.80 -15.58
N LEU B 96 8.66 1.80 -14.88
CA LEU B 96 8.64 1.45 -13.49
C LEU B 96 8.37 -0.03 -13.33
N ASP B 97 8.79 -0.83 -14.30
CA ASP B 97 8.59 -2.28 -14.20
C ASP B 97 9.30 -2.82 -12.95
N ARG B 98 8.68 -3.76 -12.28
CA ARG B 98 9.28 -4.31 -11.10
C ARG B 98 9.50 -3.24 -10.03
N ASP B 99 8.46 -2.47 -9.79
CA ASP B 99 8.51 -1.44 -8.79
C ASP B 99 8.22 -2.06 -7.40
N ILE B 100 9.22 -2.76 -6.87
CA ILE B 100 9.11 -3.42 -5.60
C ILE B 100 10.41 -3.26 -4.81
N ALA B 101 10.30 -3.22 -3.48
CA ALA B 101 11.46 -3.09 -2.62
C ALA B 101 11.19 -3.59 -1.23
N LEU B 102 12.16 -4.27 -0.65
CA LEU B 102 11.98 -4.75 0.71
C LEU B 102 12.87 -3.96 1.68
N MET B 103 12.44 -3.85 2.91
CA MET B 103 13.21 -3.15 3.89
C MET B 103 13.30 -3.99 5.14
N LYS B 104 14.53 -4.21 5.59
CA LYS B 104 14.77 -5.00 6.78
C LYS B 104 14.89 -4.15 8.07
N LEU B 105 13.97 -4.34 8.97
CA LEU B 105 14.03 -3.61 10.21
C LEU B 105 15.24 -4.07 11.07
N LYS B 106 15.77 -3.14 11.90
CA LYS B 106 16.89 -3.38 12.80
C LYS B 106 16.52 -4.33 13.94
N LYS B 107 15.31 -4.15 14.45
CA LYS B 107 14.82 -5.00 15.52
C LYS B 107 13.40 -5.42 15.20
N PRO B 108 13.06 -6.66 15.51
CA PRO B 108 11.73 -7.14 15.25
C PRO B 108 10.73 -6.32 15.96
N VAL B 109 9.52 -6.22 15.39
CA VAL B 109 8.48 -5.42 16.02
C VAL B 109 7.48 -6.32 16.73
N ALA B 110 6.84 -5.77 17.77
CA ALA B 110 5.89 -6.54 18.55
C ALA B 110 4.50 -6.36 18.07
N PHE B 111 3.91 -7.46 17.64
CA PHE B 111 2.57 -7.49 17.15
C PHE B 111 1.61 -7.03 18.16
N SER B 112 0.50 -6.47 17.71
CA SER B 112 -0.51 -5.99 18.63
C SER B 112 -1.88 -5.91 17.99
N ASP B 113 -2.79 -5.19 18.65
CA ASP B 113 -4.14 -5.04 18.11
C ASP B 113 -4.10 -4.07 16.96
N TYR B 114 -3.00 -3.34 16.92
CA TYR B 114 -2.79 -2.34 15.92
C TYR B 114 -1.71 -2.68 14.92
N ILE B 115 -0.86 -3.62 15.28
CA ILE B 115 0.24 -4.06 14.46
C ILE B 115 0.15 -5.56 14.19
N HIS B 116 -0.15 -5.90 12.93
CA HIS B 116 -0.28 -7.28 12.49
C HIS B 116 0.10 -7.38 11.01
N PRO B 117 0.74 -8.51 10.66
CA PRO B 117 1.18 -8.74 9.29
C PRO B 117 0.09 -9.15 8.32
N VAL B 118 0.26 -8.81 7.07
CA VAL B 118 -0.70 -9.20 6.04
C VAL B 118 -0.10 -10.41 5.34
N CYS B 119 -0.91 -11.23 4.66
CA CYS B 119 -0.32 -12.39 3.99
C CYS B 119 0.05 -12.09 2.54
N LEU B 120 0.95 -12.90 2.01
CA LEU B 120 1.40 -12.85 0.64
C LEU B 120 0.68 -14.01 -0.04
N PRO B 121 0.18 -13.79 -1.27
CA PRO B 121 -0.54 -14.82 -2.00
C PRO B 121 0.32 -15.99 -2.52
N ASP B 122 -0.36 -17.13 -2.75
CA ASP B 122 0.21 -18.35 -3.30
C ASP B 122 -0.40 -18.55 -4.69
N ARG B 123 -0.03 -19.58 -5.43
CA ARG B 123 -0.59 -19.77 -6.78
C ARG B 123 -2.13 -19.85 -6.91
N GLU B 124 -2.77 -20.64 -6.10
CA GLU B 124 -4.19 -20.76 -6.19
C GLU B 124 -4.92 -19.50 -5.80
N THR B 125 -4.44 -18.86 -4.73
CA THR B 125 -5.04 -17.64 -4.26
C THR B 125 -4.99 -16.55 -5.31
N ALA B 126 -3.80 -16.34 -5.84
CA ALA B 126 -3.58 -15.35 -6.86
C ALA B 126 -4.42 -15.66 -8.06
N ALA B 127 -4.52 -16.95 -8.32
CA ALA B 127 -5.28 -17.46 -9.45
C ALA B 127 -6.76 -17.20 -9.35
N SER B 128 -7.29 -17.34 -8.20
CA SER B 128 -8.69 -17.11 -8.12
C SER B 128 -9.12 -15.72 -7.69
N LEU B 129 -8.25 -14.97 -7.04
CA LEU B 129 -8.67 -13.66 -6.62
C LEU B 129 -8.40 -12.54 -7.63
N LEU B 130 -7.32 -12.65 -8.38
CA LEU B 130 -7.01 -11.64 -9.33
C LEU B 130 -7.78 -11.77 -10.61
N GLN B 131 -9.04 -11.47 -10.56
CA GLN B 131 -9.87 -11.57 -11.73
C GLN B 131 -10.62 -10.27 -11.93
N ALA B 132 -10.53 -9.70 -13.13
CA ALA B 132 -11.21 -8.46 -13.42
C ALA B 132 -12.66 -8.45 -12.91
N GLY B 133 -13.09 -7.36 -12.32
CA GLY B 133 -14.44 -7.28 -11.81
C GLY B 133 -14.51 -7.45 -10.32
N TYR B 134 -13.49 -8.10 -9.81
CA TYR B 134 -13.36 -8.35 -8.39
C TYR B 134 -12.76 -7.09 -7.76
N LYS B 135 -13.22 -6.74 -6.55
CA LYS B 135 -12.73 -5.55 -5.85
C LYS B 135 -11.56 -5.77 -4.88
N GLY B 136 -10.71 -4.76 -4.78
CA GLY B 136 -9.56 -4.74 -3.91
C GLY B 136 -9.68 -3.50 -3.02
N ARG B 137 -8.80 -3.36 -2.05
CA ARG B 137 -8.86 -2.21 -1.17
C ARG B 137 -7.52 -1.49 -1.13
N VAL B 138 -7.53 -0.15 -1.14
CA VAL B 138 -6.29 0.60 -1.08
C VAL B 138 -6.36 1.52 0.13
N THR B 139 -5.23 1.72 0.83
CA THR B 139 -5.21 2.59 2.00
C THR B 139 -4.00 3.48 2.04
N GLY B 140 -4.17 4.69 2.56
CA GLY B 140 -3.06 5.62 2.64
C GLY B 140 -3.45 6.95 3.24
N TRP B 141 -2.43 7.81 3.40
CA TRP B 141 -2.48 9.17 3.93
C TRP B 141 -2.11 10.23 2.85
N GLY B 142 -2.23 9.87 1.59
CA GLY B 142 -1.89 10.74 0.49
C GLY B 142 -3.03 11.67 0.16
N ASN B 143 -2.72 12.61 -0.78
CA ASN B 143 -3.62 13.63 -1.27
C ASN B 143 -5.01 13.10 -1.51
N LEU B 144 -5.96 13.96 -1.19
CA LEU B 144 -7.38 13.72 -1.30
C LEU B 144 -7.89 14.16 -2.64
N LYS B 145 -7.05 14.94 -3.33
CA LYS B 145 -7.33 15.49 -4.65
C LYS B 145 -6.10 15.64 -5.44
N GLU B 146 -6.22 15.39 -6.72
CA GLU B 146 -5.07 15.55 -7.59
C GLU B 146 -4.55 16.95 -7.51
N THR B 147 -5.49 17.91 -7.47
CA THR B 147 -5.19 19.31 -7.36
C THR B 147 -6.17 20.04 -6.46
N TRP B 148 -5.74 21.24 -5.97
CA TRP B 148 -6.58 22.04 -5.10
C TRP B 148 -6.04 23.45 -4.86
N THR B 149 -6.99 24.34 -4.54
CA THR B 149 -6.78 25.74 -4.24
C THR B 149 -5.92 25.88 -2.99
N ALA B 150 -4.74 26.42 -3.20
CA ALA B 150 -3.76 26.62 -2.18
C ALA B 150 -4.26 27.38 -0.98
N ASN B 151 -3.80 26.96 0.17
CA ASN B 151 -4.14 27.63 1.39
C ASN B 151 -5.58 27.64 1.75
N VAL B 152 -6.45 27.11 0.89
CA VAL B 152 -7.87 27.07 1.21
C VAL B 152 -8.27 25.64 1.45
N GLY B 153 -7.85 25.14 2.59
CA GLY B 153 -8.13 23.77 2.94
C GLY B 153 -6.86 23.06 3.35
N LYS B 154 -6.82 21.76 3.04
CA LYS B 154 -5.69 20.84 3.32
C LYS B 154 -5.81 19.60 2.45
N GLY B 155 -4.90 19.51 1.49
CA GLY B 155 -4.89 18.40 0.58
C GLY B 155 -4.75 17.05 1.24
N GLN B 156 -4.24 17.02 2.47
CA GLN B 156 -4.04 15.78 3.17
C GLN B 156 -5.07 15.48 4.22
N PRO B 157 -5.40 14.18 4.34
CA PRO B 157 -6.37 13.63 5.29
C PRO B 157 -5.83 13.59 6.72
N SER B 158 -6.72 13.62 7.75
CA SER B 158 -6.28 13.58 9.17
C SER B 158 -5.98 12.20 9.64
N VAL B 159 -6.67 11.24 9.05
CA VAL B 159 -6.48 9.88 9.40
C VAL B 159 -6.40 9.05 8.17
N LEU B 160 -6.01 7.80 8.37
CA LEU B 160 -5.86 6.84 7.31
C LEU B 160 -7.18 6.77 6.51
N GLN B 161 -7.03 6.84 5.17
CA GLN B 161 -8.13 6.80 4.19
C GLN B 161 -8.24 5.44 3.48
N VAL B 162 -9.44 4.99 3.21
CA VAL B 162 -9.62 3.70 2.53
C VAL B 162 -10.60 3.74 1.37
N VAL B 163 -10.22 3.06 0.29
CA VAL B 163 -11.04 2.99 -0.91
C VAL B 163 -11.00 1.56 -1.46
N ASN B 164 -12.13 1.14 -2.07
CA ASN B 164 -12.31 -0.18 -2.68
C ASN B 164 -12.45 -0.03 -4.19
N LEU B 165 -11.50 -0.58 -4.93
CA LEU B 165 -11.52 -0.48 -6.38
C LEU B 165 -11.52 -1.85 -7.09
N PRO B 166 -12.21 -1.93 -8.22
CA PRO B 166 -12.28 -3.15 -8.97
C PRO B 166 -11.13 -3.28 -9.94
N ILE B 167 -10.79 -4.54 -10.25
CA ILE B 167 -9.72 -4.87 -11.17
C ILE B 167 -10.22 -4.70 -12.58
N VAL B 168 -9.38 -4.18 -13.45
CA VAL B 168 -9.76 -3.95 -14.83
C VAL B 168 -9.08 -4.90 -15.81
N GLU B 169 -9.84 -5.29 -16.84
CA GLU B 169 -9.37 -6.19 -17.90
C GLU B 169 -8.13 -5.64 -18.59
N ARG B 170 -7.09 -6.44 -18.65
CA ARG B 170 -5.83 -6.10 -19.27
C ARG B 170 -5.89 -5.23 -20.51
N PRO B 171 -6.63 -5.70 -21.50
CA PRO B 171 -6.79 -4.97 -22.74
C PRO B 171 -7.23 -3.51 -22.44
N VAL B 172 -8.25 -3.36 -21.58
CA VAL B 172 -8.73 -2.05 -21.20
C VAL B 172 -7.57 -1.21 -20.63
N CYS B 173 -6.73 -1.81 -19.75
CA CYS B 173 -5.60 -1.09 -19.16
C CYS B 173 -4.63 -0.65 -20.23
N LYS B 174 -4.27 -1.62 -21.07
CA LYS B 174 -3.36 -1.38 -22.15
C LYS B 174 -3.83 -0.21 -23.01
N ASP B 175 -5.14 -0.14 -23.27
CA ASP B 175 -5.64 0.96 -24.10
C ASP B 175 -5.69 2.31 -23.40
N SER B 176 -5.43 2.37 -22.11
CA SER B 176 -5.51 3.66 -21.45
C SER B 176 -4.21 4.41 -21.31
N THR B 177 -3.09 3.81 -21.69
CA THR B 177 -1.84 4.53 -21.53
C THR B 177 -0.95 4.42 -22.72
N ARG B 178 -0.14 5.41 -22.90
CA ARG B 178 0.76 5.31 -23.99
C ARG B 178 1.92 4.51 -23.47
N ILE B 179 1.92 4.36 -22.15
CA ILE B 179 2.96 3.64 -21.46
C ILE B 179 2.98 2.14 -21.71
N ARG B 180 4.18 1.56 -21.68
CA ARG B 180 4.36 0.14 -21.90
C ARG B 180 4.15 -0.59 -20.59
N ILE B 181 3.03 -1.26 -20.51
CA ILE B 181 2.74 -1.97 -19.30
C ILE B 181 3.23 -3.39 -19.43
N THR B 182 3.73 -3.93 -18.34
CA THR B 182 4.21 -5.29 -18.36
C THR B 182 3.29 -6.28 -17.66
N ASP B 183 3.75 -7.52 -17.51
CA ASP B 183 3.01 -8.59 -16.85
C ASP B 183 3.22 -8.51 -15.37
N ASN B 184 4.00 -7.50 -14.99
CA ASN B 184 4.33 -7.22 -13.62
C ASN B 184 3.48 -6.12 -13.07
N MET B 185 2.42 -5.78 -13.82
CA MET B 185 1.53 -4.74 -13.43
C MET B 185 0.13 -5.19 -13.52
N PHE B 186 -0.74 -4.40 -12.97
CA PHE B 186 -2.13 -4.66 -13.03
C PHE B 186 -2.87 -3.37 -12.80
N CYS B 187 -4.09 -3.23 -13.31
CA CYS B 187 -4.76 -1.98 -13.10
C CYS B 187 -6.09 -2.13 -12.42
N ALA B 188 -6.53 -1.05 -11.74
CA ALA B 188 -7.80 -1.05 -11.03
C ALA B 188 -8.43 0.32 -11.09
N GLY B 189 -9.77 0.38 -10.90
CA GLY B 189 -10.50 1.65 -10.94
C GLY B 189 -11.86 1.49 -11.62
N TYR B 190 -12.75 2.42 -11.38
CA TYR B 190 -14.03 2.30 -12.00
C TYR B 190 -13.94 2.83 -13.42
N LYS B 191 -14.90 2.45 -14.28
CA LYS B 191 -14.89 2.92 -15.66
C LYS B 191 -15.84 4.10 -15.76
N PRO B 192 -15.63 4.97 -16.73
CA PRO B 192 -16.48 6.14 -16.86
C PRO B 192 -17.97 5.90 -16.78
N ASP B 193 -18.43 4.83 -17.37
CA ASP B 193 -19.86 4.53 -17.32
C ASP B 193 -20.22 3.84 -16.00
N GLU B 194 -19.25 3.68 -15.11
CA GLU B 194 -19.47 2.99 -13.86
C GLU B 194 -20.21 3.72 -12.75
N GLY B 195 -20.27 5.04 -12.82
CA GLY B 195 -20.98 5.80 -11.79
C GLY B 195 -20.33 5.88 -10.40
N LYS B 196 -19.04 5.53 -10.31
CA LYS B 196 -18.28 5.59 -9.05
C LYS B 196 -16.86 6.06 -9.30
N ARG B 197 -16.16 6.49 -8.23
CA ARG B 197 -14.79 6.98 -8.40
C ARG B 197 -13.86 6.51 -7.32
N GLY B 198 -12.65 7.00 -7.43
CA GLY B 198 -11.67 6.65 -6.45
C GLY B 198 -10.35 6.31 -7.06
N ASP B 199 -9.31 6.63 -6.30
CA ASP B 199 -7.96 6.34 -6.76
C ASP B 199 -6.94 6.56 -5.65
N ALA B 200 -5.77 6.03 -5.85
CA ALA B 200 -4.76 6.28 -4.88
C ALA B 200 -4.21 7.58 -5.38
N CYS B 201 -3.31 8.21 -4.70
CA CYS B 201 -2.80 9.46 -5.21
C CYS B 201 -1.46 9.71 -4.58
N GLU B 202 -0.85 10.83 -4.89
CA GLU B 202 0.45 11.14 -4.33
C GLU B 202 0.47 11.00 -2.82
N GLY B 203 1.42 10.18 -2.33
CA GLY B 203 1.57 9.92 -0.90
C GLY B 203 1.06 8.55 -0.52
N ASP B 204 0.31 7.95 -1.41
CA ASP B 204 -0.23 6.64 -1.19
C ASP B 204 0.72 5.55 -1.67
N SER B 205 1.66 5.92 -2.58
CA SER B 205 2.65 5.01 -3.18
C SER B 205 3.25 4.10 -2.18
N GLY B 206 3.50 2.85 -2.57
CA GLY B 206 4.09 1.88 -1.67
C GLY B 206 3.04 1.17 -0.85
N GLY B 207 1.90 1.80 -0.78
CA GLY B 207 0.80 1.24 -0.04
C GLY B 207 0.38 -0.09 -0.63
N PRO B 208 -0.32 -0.84 0.16
CA PRO B 208 -0.76 -2.14 -0.26
C PRO B 208 -2.16 -2.16 -0.89
N PHE B 209 -2.33 -3.05 -1.87
CA PHE B 209 -3.60 -3.28 -2.54
C PHE B 209 -4.01 -4.69 -2.04
N VAL B 210 -4.93 -4.77 -1.09
CA VAL B 210 -5.27 -6.07 -0.58
C VAL B 210 -6.64 -6.59 -1.01
N MET B 211 -6.85 -7.91 -0.79
CA MET B 211 -8.06 -8.63 -1.10
C MET B 211 -8.38 -9.60 0.06
N LYS B 212 -9.66 -9.97 0.25
CA LYS B 212 -10.09 -10.89 1.31
C LYS B 212 -10.55 -12.28 0.85
N SER B 213 -9.97 -13.34 1.37
CA SER B 213 -10.39 -14.67 0.96
C SER B 213 -11.60 -15.19 1.74
N PRO B 214 -12.75 -15.25 1.07
CA PRO B 214 -14.00 -15.71 1.71
C PRO B 214 -13.87 -17.06 2.41
N PHE B 215 -13.11 -17.98 1.82
CA PHE B 215 -12.94 -19.30 2.38
C PHE B 215 -12.14 -19.37 3.63
N ASN B 216 -11.04 -18.61 3.73
CA ASN B 216 -10.19 -18.65 4.90
C ASN B 216 -10.23 -17.41 5.74
N ASN B 217 -11.06 -16.45 5.35
CA ASN B 217 -11.25 -15.21 6.07
C ASN B 217 -9.99 -14.30 6.28
N ARG B 218 -8.92 -14.53 5.48
CA ARG B 218 -7.64 -13.81 5.54
C ARG B 218 -7.44 -12.82 4.45
N TRP B 219 -6.68 -11.78 4.77
CA TRP B 219 -6.35 -10.73 3.84
C TRP B 219 -5.07 -11.06 3.13
N TYR B 220 -5.02 -10.77 1.83
CA TYR B 220 -3.85 -11.03 1.05
C TYR B 220 -3.42 -9.81 0.31
N GLN B 221 -2.12 -9.53 0.28
CA GLN B 221 -1.69 -8.37 -0.45
C GLN B 221 -1.42 -8.76 -1.90
N MET B 222 -2.30 -8.38 -2.82
CA MET B 222 -2.12 -8.72 -4.23
C MET B 222 -1.29 -7.69 -5.04
N GLY B 223 -1.24 -6.45 -4.59
CA GLY B 223 -0.44 -5.50 -5.33
C GLY B 223 0.09 -4.40 -4.43
N ILE B 224 0.88 -3.52 -5.06
CA ILE B 224 1.50 -2.36 -4.41
C ILE B 224 1.16 -1.07 -5.16
N VAL B 225 0.75 0.00 -4.46
CA VAL B 225 0.43 1.27 -5.13
C VAL B 225 1.70 1.70 -5.96
N SER B 226 1.59 1.62 -7.29
CA SER B 226 2.71 1.91 -8.16
C SER B 226 2.71 3.26 -8.83
N TRP B 227 2.05 3.38 -9.98
CA TRP B 227 1.99 4.65 -10.71
C TRP B 227 0.61 4.94 -11.35
N GLY B 228 0.52 6.05 -12.04
CA GLY B 228 -0.71 6.46 -12.69
C GLY B 228 -0.52 7.80 -13.37
N GLU B 229 -1.57 8.28 -13.99
CA GLU B 229 -1.52 9.56 -14.66
C GLU B 229 -2.47 10.52 -13.97
N GLY B 230 -1.95 11.18 -12.93
CA GLY B 230 -2.75 12.12 -12.17
C GLY B 230 -3.59 11.36 -11.12
N CYS B 231 -4.67 11.97 -10.66
CA CYS B 231 -5.50 11.28 -9.71
C CYS B 231 -6.97 11.37 -10.03
N ASP B 232 -7.64 10.22 -10.03
CA ASP B 232 -9.08 10.11 -10.27
C ASP B 232 -9.66 10.65 -11.60
N ARG B 233 -8.84 10.59 -12.69
CA ARG B 233 -9.23 11.03 -14.03
C ARG B 233 -10.11 10.01 -14.74
N ASP B 234 -11.06 10.50 -15.53
CA ASP B 234 -11.92 9.56 -16.24
C ASP B 234 -11.17 8.95 -17.39
N GLY B 235 -11.42 7.67 -17.59
CA GLY B 235 -10.78 6.94 -18.67
C GLY B 235 -9.33 6.60 -18.40
N LYS B 236 -8.95 6.71 -17.15
CA LYS B 236 -7.61 6.41 -16.67
C LYS B 236 -7.74 5.51 -15.43
N TYR B 237 -6.71 4.68 -15.17
CA TYR B 237 -6.70 3.78 -14.01
C TYR B 237 -5.35 3.70 -13.28
N GLY B 238 -5.41 3.20 -12.06
CA GLY B 238 -4.19 3.08 -11.29
C GLY B 238 -3.45 1.78 -11.62
N PHE B 239 -2.11 1.83 -11.58
CA PHE B 239 -1.30 0.67 -11.87
C PHE B 239 -0.58 0.17 -10.62
N TYR B 240 -0.77 -1.12 -10.31
CA TYR B 240 -0.20 -1.74 -9.14
C TYR B 240 0.84 -2.78 -9.48
N THR B 241 1.84 -2.90 -8.62
CA THR B 241 2.86 -3.92 -8.82
C THR B 241 2.24 -5.29 -8.57
N HIS B 242 2.44 -6.22 -9.49
CA HIS B 242 1.92 -7.57 -9.36
C HIS B 242 2.79 -8.32 -8.37
N VAL B 243 2.36 -8.36 -7.12
CA VAL B 243 3.10 -9.02 -6.05
C VAL B 243 3.37 -10.49 -6.28
N PHE B 244 2.36 -11.20 -6.79
CA PHE B 244 2.53 -12.62 -7.04
C PHE B 244 3.68 -12.99 -7.96
N ARG B 245 3.82 -12.26 -9.09
CA ARG B 245 4.88 -12.49 -10.05
C ARG B 245 6.26 -12.25 -9.47
N LEU B 246 6.39 -11.26 -8.62
CA LEU B 246 7.67 -10.97 -8.05
C LEU B 246 7.96 -11.77 -6.77
N LYS B 247 7.05 -12.66 -6.35
CA LYS B 247 7.26 -13.47 -5.12
C LYS B 247 8.62 -14.21 -5.01
N LYS B 248 9.10 -14.82 -6.11
CA LYS B 248 10.37 -15.55 -6.08
C LYS B 248 11.53 -14.67 -5.60
N TRP B 249 11.54 -13.40 -6.04
CA TRP B 249 12.58 -12.46 -5.64
C TRP B 249 12.50 -12.16 -4.15
N ILE B 250 11.26 -11.97 -3.69
CA ILE B 250 11.02 -11.71 -2.30
C ILE B 250 11.56 -12.86 -1.52
N GLN B 251 11.17 -14.02 -2.00
CA GLN B 251 11.57 -15.28 -1.43
C GLN B 251 13.09 -15.36 -1.35
N LYS B 252 13.72 -15.04 -2.44
CA LYS B 252 15.16 -15.10 -2.50
C LYS B 252 15.83 -14.16 -1.49
N VAL B 253 15.32 -12.92 -1.39
CA VAL B 253 15.84 -11.89 -0.45
C VAL B 253 15.64 -12.27 1.03
N ILE B 254 14.44 -12.61 1.37
CA ILE B 254 14.10 -12.98 2.70
C ILE B 254 14.90 -14.16 3.29
N ASP B 255 15.06 -15.26 2.55
CA ASP B 255 15.82 -16.40 3.08
C ASP B 255 15.44 -16.99 4.45
N GLN B 256 14.14 -17.15 4.74
CA GLN B 256 13.74 -17.70 6.03
C GLN B 256 14.39 -19.02 6.40
N PHE B 257 15.17 -19.62 5.55
CA PHE B 257 15.68 -20.87 6.03
C PHE B 257 17.17 -21.04 5.94
N GLY B 258 17.86 -20.05 5.57
CA ASP C 1 1.97 19.73 10.46
C ASP C 1 2.07 18.55 11.44
N PHE C 2 3.21 17.87 11.44
CA PHE C 2 3.46 16.72 12.30
C PHE C 2 3.81 17.01 13.75
N GLU C 3 3.26 16.20 14.66
CA GLU C 3 3.57 16.33 16.07
C GLU C 3 4.97 15.78 16.19
N GLU C 4 5.74 16.21 17.20
CA GLU C 4 7.14 15.72 17.28
C GLU C 4 7.38 14.40 17.96
N ILE C 5 8.19 13.55 17.29
CA ILE C 5 8.59 12.22 17.79
C ILE C 5 9.84 12.38 18.62
N PRO C 6 10.15 11.42 19.44
CA PRO C 6 11.32 11.47 20.28
C PRO C 6 12.58 11.73 19.47
N GLU C 7 13.44 12.67 19.93
CA GLU C 7 14.66 13.00 19.17
C GLU C 7 15.69 11.92 19.05
N GLU C 8 15.54 10.88 19.81
CA GLU C 8 16.51 9.81 19.71
C GLU C 8 16.48 9.19 18.32
N TYR C 9 15.33 9.28 17.69
CA TYR C 9 15.14 8.73 16.36
C TYR C 9 15.54 9.69 15.25
N LEU C 10 15.60 10.96 15.60
CA LEU C 10 15.93 11.99 14.64
C LEU C 10 17.41 12.39 14.54
N GLN C 11 18.28 11.77 15.23
#